data_4J5D
#
_entry.id   4J5D
#
_cell.length_a   56.590
_cell.length_b   56.590
_cell.length_c   87.220
_cell.angle_alpha   90.000
_cell.angle_beta   90.000
_cell.angle_gamma   90.000
#
_symmetry.space_group_name_H-M   'P 41 21 2'
#
loop_
_entity.id
_entity.type
_entity.pdbx_description
1 polymer 'Peptidyl-prolyl cis-trans isomerase F, mitochondrial'
2 non-polymer 1-(4-aminobenzyl)-3-{2-[(2R)-2-(2-bromophenyl)pyrrolidin-1-yl]-2-oxoethyl}urea
3 water water
#
_entity_poly.entity_id   1
_entity_poly.type   'polypeptide(L)'
_entity_poly.pdbx_seq_one_letter_code
;GNPLVYLDVDANGKPLGRVVLELKADVVPKTAENFRALCTGEKGFGYKGSTFHRVIPSFMCQAGDFTNHNGTGGKSIYGS
RFPDENFTLKHVGPGVLSMANAGPNTNGSQFFICTIKTDWLDGKHVVFGHVIEGMDVVKKIESFGSKSGRTSKKIVITDC
GQLS
;
_entity_poly.pdbx_strand_id   X
#
# COMPACT_ATOMS: atom_id res chain seq x y z
N GLY A 1 18.01 3.05 -10.72
CA GLY A 1 17.79 3.10 -9.28
C GLY A 1 16.45 2.49 -8.93
N ASN A 2 16.05 2.67 -7.67
CA ASN A 2 14.77 2.15 -7.20
C ASN A 2 13.59 2.79 -7.93
N PRO A 3 12.55 2.00 -8.20
CA PRO A 3 11.36 2.59 -8.84
C PRO A 3 10.70 3.67 -7.97
N LEU A 4 10.19 4.71 -8.62
CA LEU A 4 9.24 5.63 -8.01
C LEU A 4 7.90 5.37 -8.66
N VAL A 5 6.87 5.17 -7.85
CA VAL A 5 5.52 4.99 -8.38
C VAL A 5 4.57 6.00 -7.73
N TYR A 6 3.37 6.14 -8.30
CA TYR A 6 2.40 7.08 -7.75
C TYR A 6 1.02 6.47 -7.61
N LEU A 7 0.27 6.96 -6.63
CA LEU A 7 -1.16 6.70 -6.48
C LEU A 7 -1.86 8.05 -6.44
N ASP A 8 -2.80 8.28 -7.35
CA ASP A 8 -3.68 9.44 -7.26
C ASP A 8 -4.95 8.99 -6.55
N VAL A 9 -5.35 9.70 -5.50
CA VAL A 9 -6.41 9.21 -4.63
C VAL A 9 -7.56 10.21 -4.52
N ASP A 10 -8.79 9.73 -4.70
CA ASP A 10 -10.02 10.49 -4.50
C ASP A 10 -10.62 10.12 -3.14
N ALA A 11 -11.36 11.05 -2.56
CA ALA A 11 -12.27 10.72 -1.46
C ALA A 11 -13.62 11.26 -1.86
N ASN A 12 -14.61 10.38 -1.96
CA ASN A 12 -15.95 10.77 -2.42
C ASN A 12 -15.90 11.53 -3.75
N GLY A 13 -15.05 11.08 -4.66
CA GLY A 13 -14.97 11.62 -6.00
C GLY A 13 -14.19 12.92 -6.13
N LYS A 14 -13.63 13.35 -5.01
CA LYS A 14 -12.85 14.58 -4.95
C LYS A 14 -11.36 14.25 -4.88
N PRO A 15 -10.54 14.82 -5.79
CA PRO A 15 -9.12 14.45 -5.77
C PRO A 15 -8.41 14.98 -4.52
N LEU A 16 -7.66 14.12 -3.86
CA LEU A 16 -6.88 14.52 -2.70
C LEU A 16 -5.47 14.90 -3.10
N GLY A 17 -5.05 14.41 -4.26
CA GLY A 17 -3.69 14.58 -4.72
C GLY A 17 -2.96 13.27 -4.94
N ARG A 18 -1.63 13.33 -4.90
CA ARG A 18 -0.78 12.22 -5.31
C ARG A 18 0.15 11.76 -4.20
N VAL A 19 0.21 10.44 -3.99
CA VAL A 19 1.19 9.85 -3.11
C VAL A 19 2.28 9.24 -3.97
N VAL A 20 3.53 9.68 -3.76
CA VAL A 20 4.64 9.10 -4.50
C VAL A 20 5.42 8.18 -3.57
N LEU A 21 5.70 6.97 -4.04
CA LEU A 21 6.34 5.96 -3.20
C LEU A 21 7.65 5.52 -3.82
N GLU A 22 8.69 5.42 -3.00
CA GLU A 22 9.91 4.76 -3.43
C GLU A 22 9.79 3.27 -3.12
N LEU A 23 10.07 2.42 -4.10
CA LEU A 23 10.06 0.98 -3.87
C LEU A 23 11.49 0.50 -3.71
N LYS A 24 11.79 -0.12 -2.57
CA LYS A 24 13.16 -0.49 -2.24
C LYS A 24 13.58 -1.79 -2.91
N ALA A 25 13.69 -1.72 -4.23
CA ALA A 25 14.09 -2.86 -5.05
C ALA A 25 15.49 -3.34 -4.71
N ASP A 26 16.32 -2.46 -4.17
N ASP A 26 16.29 -2.44 -4.12
CA ASP A 26 17.66 -2.91 -3.76
CA ASP A 26 17.65 -2.72 -3.65
C ASP A 26 17.59 -3.94 -2.63
C ASP A 26 17.71 -3.65 -2.44
N VAL A 27 16.56 -3.83 -1.79
CA VAL A 27 16.43 -4.67 -0.59
C VAL A 27 15.45 -5.83 -0.81
N VAL A 28 14.34 -5.51 -1.47
CA VAL A 28 13.27 -6.48 -1.68
C VAL A 28 12.83 -6.41 -3.15
N PRO A 29 13.68 -6.89 -4.06
CA PRO A 29 13.37 -6.76 -5.50
C PRO A 29 12.07 -7.44 -5.93
N LYS A 30 11.77 -8.60 -5.37
CA LYS A 30 10.57 -9.31 -5.81
C LYS A 30 9.31 -8.60 -5.36
N THR A 31 9.35 -8.05 -4.16
CA THR A 31 8.21 -7.35 -3.59
C THR A 31 8.02 -6.01 -4.28
N ALA A 32 9.13 -5.33 -4.54
CA ALA A 32 9.10 -4.05 -5.27
C ALA A 32 8.55 -4.25 -6.68
N GLU A 33 8.99 -5.30 -7.36
CA GLU A 33 8.59 -5.53 -8.74
C GLU A 33 7.09 -5.79 -8.83
N ASN A 34 6.57 -6.57 -7.89
CA ASN A 34 5.15 -6.81 -7.81
C ASN A 34 4.37 -5.49 -7.71
N PHE A 35 4.74 -4.63 -6.77
CA PHE A 35 4.01 -3.39 -6.57
C PHE A 35 4.12 -2.49 -7.80
N ARG A 36 5.33 -2.44 -8.37
CA ARG A 36 5.57 -1.60 -9.53
C ARG A 36 4.64 -1.97 -10.67
N ALA A 37 4.59 -3.26 -10.99
CA ALA A 37 3.75 -3.74 -12.08
C ALA A 37 2.25 -3.59 -11.80
N LEU A 38 1.86 -3.71 -10.55
CA LEU A 38 0.45 -3.50 -10.20
C LEU A 38 0.08 -2.02 -10.33
N CYS A 39 1.05 -1.13 -10.16
CA CYS A 39 0.79 0.29 -10.39
C CYS A 39 0.64 0.60 -11.88
N THR A 40 1.49 0.03 -12.72
CA THR A 40 1.39 0.32 -14.15
C THR A 40 0.20 -0.40 -14.78
N GLY A 41 -0.18 -1.52 -14.18
CA GLY A 41 -1.24 -2.36 -14.72
C GLY A 41 -0.81 -3.17 -15.92
N GLU A 42 0.49 -3.26 -16.16
CA GLU A 42 1.01 -3.87 -17.39
C GLU A 42 0.71 -5.37 -17.57
N LYS A 43 0.36 -6.06 -16.49
CA LYS A 43 -0.02 -7.48 -16.60
C LYS A 43 -1.50 -7.66 -16.93
N GLY A 44 -2.24 -6.56 -17.00
CA GLY A 44 -3.65 -6.62 -17.30
C GLY A 44 -4.56 -6.45 -16.10
N PHE A 45 -3.96 -6.21 -14.95
CA PHE A 45 -4.70 -5.96 -13.71
C PHE A 45 -3.82 -5.14 -12.78
N GLY A 46 -4.41 -4.60 -11.73
CA GLY A 46 -3.62 -3.80 -10.80
C GLY A 46 -4.47 -2.86 -9.97
N TYR A 47 -3.81 -1.87 -9.37
CA TYR A 47 -4.45 -1.05 -8.35
C TYR A 47 -5.46 -0.03 -8.87
N LYS A 48 -5.40 0.31 -10.15
CA LYS A 48 -6.29 1.35 -10.66
C LYS A 48 -7.74 1.00 -10.38
N GLY A 49 -8.44 1.92 -9.71
CA GLY A 49 -9.84 1.74 -9.40
C GLY A 49 -10.14 1.05 -8.08
N SER A 50 -9.10 0.55 -7.42
CA SER A 50 -9.28 -0.13 -6.13
C SER A 50 -9.33 0.89 -4.98
N THR A 51 -9.67 0.43 -3.78
CA THR A 51 -9.96 1.32 -2.67
C THR A 51 -9.02 1.15 -1.48
N PHE A 52 -9.02 2.16 -0.61
CA PHE A 52 -8.50 2.02 0.75
C PHE A 52 -9.67 1.53 1.59
N HIS A 53 -9.68 0.25 1.94
CA HIS A 53 -10.82 -0.38 2.61
C HIS A 53 -10.75 -0.33 4.13
N ARG A 54 -9.53 -0.23 4.67
CA ARG A 54 -9.35 -0.20 6.12
C ARG A 54 -8.41 0.94 6.47
N VAL A 55 -8.90 1.90 7.23
CA VAL A 55 -8.08 3.03 7.64
C VAL A 55 -8.30 3.27 9.12
N ILE A 56 -7.22 3.16 9.89
CA ILE A 56 -7.29 3.31 11.35
C ILE A 56 -6.39 4.46 11.77
N PRO A 57 -6.98 5.53 12.31
CA PRO A 57 -6.16 6.68 12.73
C PRO A 57 -5.10 6.30 13.73
N SER A 58 -3.96 6.96 13.61
CA SER A 58 -2.80 6.69 14.44
C SER A 58 -2.39 5.23 14.28
N PHE A 59 -2.58 4.69 13.07
CA PHE A 59 -2.14 3.35 12.73
C PHE A 59 -1.64 3.30 11.29
N MET A 60 -2.56 3.13 10.37
CA MET A 60 -2.19 2.95 8.97
C MET A 60 -3.40 3.07 8.05
N CYS A 61 -3.12 3.16 6.76
CA CYS A 61 -4.15 3.16 5.71
C CYS A 61 -3.87 1.97 4.81
N GLN A 62 -4.85 1.08 4.67
CA GLN A 62 -4.69 -0.19 3.96
C GLN A 62 -5.53 -0.20 2.69
N ALA A 63 -4.95 -0.73 1.61
CA ALA A 63 -5.57 -0.69 0.29
C ALA A 63 -5.15 -1.91 -0.51
N GLY A 64 -5.64 -1.98 -1.75
CA GLY A 64 -5.05 -2.88 -2.71
C GLY A 64 -5.81 -4.14 -3.08
N ASP A 65 -7.01 -4.32 -2.56
CA ASP A 65 -7.81 -5.48 -2.96
C ASP A 65 -8.59 -5.16 -4.23
N PHE A 66 -7.97 -5.41 -5.38
CA PHE A 66 -8.61 -5.11 -6.66
C PHE A 66 -9.40 -6.29 -7.23
N THR A 67 -9.45 -7.40 -6.51
CA THR A 67 -10.25 -8.54 -7.00
C THR A 67 -11.60 -8.68 -6.32
N ASN A 68 -11.67 -8.44 -5.02
CA ASN A 68 -12.92 -8.57 -4.27
C ASN A 68 -13.45 -7.23 -3.76
N HIS A 69 -12.59 -6.21 -3.81
CA HIS A 69 -12.88 -4.86 -3.36
C HIS A 69 -13.46 -4.77 -1.96
N ASN A 70 -12.99 -5.63 -1.06
CA ASN A 70 -13.49 -5.61 0.31
C ASN A 70 -12.47 -5.96 1.39
N GLY A 71 -11.24 -6.25 0.99
CA GLY A 71 -10.20 -6.56 1.95
C GLY A 71 -9.91 -8.03 2.11
N THR A 72 -10.61 -8.87 1.36
CA THR A 72 -10.35 -10.31 1.42
C THR A 72 -9.45 -10.80 0.29
N GLY A 73 -9.26 -9.96 -0.72
CA GLY A 73 -8.68 -10.44 -1.96
C GLY A 73 -7.40 -9.78 -2.42
N GLY A 74 -7.26 -9.69 -3.74
CA GLY A 74 -6.01 -9.27 -4.35
C GLY A 74 -5.20 -10.45 -4.88
N LYS A 75 -4.23 -10.15 -5.73
CA LYS A 75 -3.32 -11.16 -6.22
C LYS A 75 -2.03 -10.48 -6.64
N SER A 76 -0.95 -11.24 -6.68
CA SER A 76 0.33 -10.70 -7.12
C SER A 76 0.54 -10.97 -8.61
N ILE A 77 1.58 -10.36 -9.19
CA ILE A 77 1.92 -10.66 -10.58
C ILE A 77 2.47 -12.07 -10.76
N TYR A 78 2.84 -12.72 -9.66
CA TYR A 78 3.44 -14.05 -9.71
C TYR A 78 2.42 -15.17 -9.61
N GLY A 79 1.24 -14.85 -9.08
CA GLY A 79 0.27 -15.86 -8.67
C GLY A 79 -0.55 -15.27 -7.53
N SER A 80 -1.39 -16.08 -6.89
CA SER A 80 -2.30 -15.49 -5.90
C SER A 80 -1.54 -14.93 -4.69
N ARG A 81 -0.49 -15.63 -4.26
CA ARG A 81 0.28 -15.25 -3.08
C ARG A 81 1.77 -15.48 -3.35
N PHE A 82 2.64 -14.77 -2.62
CA PHE A 82 4.08 -15.00 -2.74
C PHE A 82 4.76 -14.86 -1.37
N PRO A 83 5.96 -15.45 -1.21
CA PRO A 83 6.58 -15.52 0.11
C PRO A 83 7.04 -14.18 0.67
N ASP A 84 7.23 -14.15 1.99
CA ASP A 84 7.89 -13.02 2.64
C ASP A 84 9.34 -12.99 2.18
N GLU A 85 9.73 -11.90 1.51
CA GLU A 85 11.04 -11.85 0.88
C GLU A 85 12.16 -11.73 1.91
N ASN A 86 11.99 -10.79 2.84
CA ASN A 86 12.83 -10.68 4.03
C ASN A 86 12.17 -9.71 4.98
N PHE A 87 12.72 -9.57 6.17
CA PHE A 87 12.24 -8.56 7.12
C PHE A 87 13.36 -7.56 7.42
N THR A 88 14.12 -7.23 6.40
CA THR A 88 15.28 -6.36 6.58
C THR A 88 14.88 -4.93 6.91
N LEU A 89 13.92 -4.38 6.17
CA LEU A 89 13.40 -3.04 6.46
C LEU A 89 12.40 -3.10 7.60
N LYS A 90 12.40 -2.07 8.44
CA LYS A 90 11.53 -2.05 9.62
C LYS A 90 10.44 -0.98 9.52
N HIS A 91 9.42 -1.14 10.35
CA HIS A 91 8.33 -0.17 10.40
C HIS A 91 8.76 0.98 11.30
N VAL A 92 9.57 1.89 10.73
CA VAL A 92 10.27 2.89 11.53
C VAL A 92 9.46 4.14 11.89
N GLY A 93 8.36 4.39 11.20
CA GLY A 93 7.58 5.59 11.43
C GLY A 93 6.54 5.84 10.37
N PRO A 94 5.93 7.03 10.40
CA PRO A 94 4.94 7.40 9.39
C PRO A 94 5.55 7.34 8.00
N GLY A 95 4.75 6.93 7.02
CA GLY A 95 5.19 6.91 5.64
C GLY A 95 5.72 5.59 5.16
N VAL A 96 5.94 4.65 6.07
CA VAL A 96 6.43 3.33 5.70
C VAL A 96 5.40 2.57 4.87
N LEU A 97 5.85 1.94 3.79
CA LEU A 97 5.00 1.16 2.89
C LEU A 97 5.30 -0.32 3.09
N SER A 98 4.26 -1.11 3.37
CA SER A 98 4.45 -2.49 3.83
C SER A 98 3.33 -3.39 3.30
N MET A 99 3.59 -4.68 3.19
CA MET A 99 2.60 -5.62 2.64
C MET A 99 1.63 -6.11 3.70
N ALA A 100 0.33 -6.01 3.40
CA ALA A 100 -0.67 -6.64 4.25
C ALA A 100 -0.55 -8.16 4.08
N ASN A 101 -1.02 -8.92 5.06
CA ASN A 101 -0.99 -10.37 4.88
C ASN A 101 -1.99 -11.07 5.77
N ALA A 102 -2.14 -12.37 5.54
CA ALA A 102 -3.01 -13.21 6.35
C ALA A 102 -2.17 -14.28 7.04
N GLY A 103 -0.99 -13.86 7.50
CA GLY A 103 -0.02 -14.77 8.11
C GLY A 103 1.23 -14.88 7.26
N PRO A 104 2.19 -15.71 7.70
CA PRO A 104 3.44 -15.84 6.94
C PRO A 104 3.22 -16.21 5.47
N ASN A 105 3.97 -15.57 4.60
CA ASN A 105 4.03 -15.94 3.19
C ASN A 105 2.69 -15.89 2.47
N THR A 106 1.93 -14.83 2.72
CA THR A 106 0.64 -14.65 2.08
C THR A 106 0.51 -13.26 1.45
N ASN A 107 1.63 -12.73 0.97
CA ASN A 107 1.60 -11.46 0.25
C ASN A 107 0.86 -11.61 -1.06
N GLY A 108 0.02 -10.65 -1.39
CA GLY A 108 -0.70 -10.66 -2.64
C GLY A 108 -0.55 -9.30 -3.30
N SER A 109 -1.58 -8.47 -3.14
CA SER A 109 -1.52 -7.10 -3.61
C SER A 109 -1.83 -6.11 -2.49
N GLN A 110 -2.51 -6.54 -1.44
CA GLN A 110 -2.86 -5.60 -0.38
C GLN A 110 -1.63 -5.04 0.32
N PHE A 111 -1.70 -3.75 0.63
CA PHE A 111 -0.57 -3.03 1.21
C PHE A 111 -1.09 -2.00 2.19
N PHE A 112 -0.18 -1.45 2.99
CA PHE A 112 -0.56 -0.34 3.86
C PHE A 112 0.52 0.71 3.94
N ILE A 113 0.09 1.93 4.23
CA ILE A 113 1.00 3.03 4.50
C ILE A 113 0.83 3.43 5.95
N CYS A 114 1.91 3.38 6.72
CA CYS A 114 1.87 3.69 8.15
C CYS A 114 1.71 5.18 8.42
N THR A 115 1.01 5.50 9.51
CA THR A 115 0.90 6.88 9.95
C THR A 115 1.57 7.09 11.32
N ILE A 116 2.14 6.01 11.84
CA ILE A 116 2.97 6.07 13.04
CA ILE A 116 2.91 6.03 13.06
C ILE A 116 3.99 4.96 12.93
N LYS A 117 4.91 4.89 13.90
CA LYS A 117 5.83 3.76 13.96
C LYS A 117 5.06 2.52 14.39
N THR A 118 4.96 1.53 13.51
CA THR A 118 4.22 0.31 13.84
C THR A 118 5.21 -0.83 14.10
N ASP A 119 6.01 -0.69 15.14
CA ASP A 119 7.11 -1.61 15.38
C ASP A 119 6.67 -3.05 15.64
N TRP A 120 5.44 -3.23 16.12
CA TRP A 120 4.94 -4.57 16.42
C TRP A 120 4.74 -5.40 15.16
N LEU A 121 4.80 -4.77 14.00
CA LEU A 121 4.67 -5.49 12.74
C LEU A 121 6.02 -5.93 12.16
N ASP A 122 7.12 -5.51 12.80
CA ASP A 122 8.44 -5.93 12.37
C ASP A 122 8.56 -7.43 12.46
N GLY A 123 9.07 -8.06 11.40
CA GLY A 123 9.23 -9.50 11.39
C GLY A 123 7.94 -10.24 11.03
N LYS A 124 6.87 -9.47 10.80
CA LYS A 124 5.58 -10.07 10.44
C LYS A 124 5.10 -9.57 9.07
N HIS A 125 5.32 -8.29 8.79
CA HIS A 125 4.95 -7.72 7.49
C HIS A 125 6.19 -7.25 6.76
N VAL A 126 6.24 -7.52 5.45
CA VAL A 126 7.39 -7.13 4.65
C VAL A 126 7.31 -5.67 4.25
N VAL A 127 8.22 -4.87 4.80
CA VAL A 127 8.37 -3.47 4.43
C VAL A 127 9.12 -3.38 3.11
N PHE A 128 8.63 -2.54 2.19
CA PHE A 128 9.24 -2.48 0.87
C PHE A 128 9.37 -1.09 0.27
N GLY A 129 9.08 -0.06 1.05
CA GLY A 129 9.27 1.29 0.56
C GLY A 129 8.77 2.35 1.50
N HIS A 130 8.61 3.56 0.99
CA HIS A 130 8.14 4.67 1.81
C HIS A 130 7.64 5.82 0.96
N VAL A 131 6.91 6.71 1.60
CA VAL A 131 6.35 7.91 0.97
C VAL A 131 7.43 8.96 0.71
N ILE A 132 7.60 9.30 -0.55
CA ILE A 132 8.56 10.32 -1.01
C ILE A 132 7.91 11.70 -0.99
N GLU A 133 6.63 11.73 -1.36
CA GLU A 133 5.86 12.95 -1.47
C GLU A 133 4.40 12.60 -1.22
N GLY A 134 3.65 13.50 -0.60
CA GLY A 134 2.23 13.29 -0.45
C GLY A 134 1.78 12.78 0.91
N MET A 135 2.60 12.95 1.93
CA MET A 135 2.13 12.61 3.28
C MET A 135 0.87 13.40 3.65
N ASP A 136 0.69 14.59 3.07
CA ASP A 136 -0.53 15.35 3.31
C ASP A 136 -1.75 14.56 2.83
N VAL A 137 -1.61 13.86 1.72
CA VAL A 137 -2.68 13.03 1.19
C VAL A 137 -2.94 11.86 2.14
N VAL A 138 -1.86 11.24 2.60
CA VAL A 138 -1.98 10.16 3.57
C VAL A 138 -2.67 10.62 4.85
N LYS A 139 -2.35 11.83 5.32
CA LYS A 139 -3.02 12.33 6.53
C LYS A 139 -4.51 12.57 6.27
N LYS A 140 -4.86 13.04 5.08
CA LYS A 140 -6.27 13.18 4.73
C LYS A 140 -6.96 11.82 4.76
N ILE A 141 -6.38 10.83 4.10
CA ILE A 141 -6.95 9.49 4.11
C ILE A 141 -7.14 9.01 5.54
N GLU A 142 -6.11 9.17 6.35
CA GLU A 142 -6.16 8.78 7.76
C GLU A 142 -7.34 9.39 8.49
N SER A 143 -7.59 10.68 8.22
CA SER A 143 -8.68 11.39 8.87
C SER A 143 -10.06 10.85 8.49
N PHE A 144 -10.12 10.07 7.41
CA PHE A 144 -11.38 9.48 6.97
C PHE A 144 -11.55 8.06 7.51
N GLY A 145 -10.66 7.64 8.41
CA GLY A 145 -10.77 6.32 9.00
C GLY A 145 -11.57 6.33 10.28
N SER A 146 -11.45 5.24 11.03
CA SER A 146 -12.15 5.10 12.29
C SER A 146 -11.48 3.99 13.05
N LYS A 147 -11.85 3.84 14.31
CA LYS A 147 -11.22 2.83 15.14
CA LYS A 147 -11.27 2.84 15.18
C LYS A 147 -11.40 1.43 14.58
N SER A 148 -12.57 1.14 14.04
CA SER A 148 -12.82 -0.20 13.52
C SER A 148 -12.12 -0.42 12.18
N GLY A 149 -11.67 0.66 11.57
CA GLY A 149 -11.08 0.60 10.24
C GLY A 149 -12.07 0.99 9.16
N ARG A 150 -13.36 1.02 9.48
CA ARG A 150 -14.37 1.44 8.51
C ARG A 150 -14.12 2.88 8.06
N THR A 151 -14.13 3.09 6.75
CA THR A 151 -13.90 4.43 6.21
C THR A 151 -15.19 5.23 6.16
N SER A 152 -15.07 6.55 6.34
CA SER A 152 -16.24 7.43 6.38
C SER A 152 -16.42 8.14 5.05
N LYS A 153 -15.48 7.93 4.13
CA LYS A 153 -15.59 8.36 2.75
C LYS A 153 -15.13 7.22 1.86
N LYS A 154 -15.56 7.23 0.60
CA LYS A 154 -15.10 6.23 -0.37
C LYS A 154 -13.79 6.68 -0.96
N ILE A 155 -12.73 5.96 -0.60
CA ILE A 155 -11.38 6.37 -0.90
C ILE A 155 -10.84 5.48 -2.02
N VAL A 156 -10.61 6.09 -3.17
CA VAL A 156 -10.33 5.32 -4.38
C VAL A 156 -9.02 5.73 -5.03
N ILE A 157 -8.20 4.75 -5.39
CA ILE A 157 -7.03 5.01 -6.21
C ILE A 157 -7.52 5.16 -7.64
N THR A 158 -7.62 6.40 -8.12
CA THR A 158 -8.21 6.64 -9.44
C THR A 158 -7.22 6.36 -10.57
N ASP A 159 -5.95 6.61 -10.29
CA ASP A 159 -4.89 6.42 -11.25
C ASP A 159 -3.64 6.02 -10.50
N CYS A 160 -2.74 5.34 -11.19
CA CYS A 160 -1.47 4.94 -10.60
C CYS A 160 -0.52 4.58 -11.72
N GLY A 161 0.77 4.51 -11.40
CA GLY A 161 1.75 4.23 -12.44
C GLY A 161 3.16 4.39 -11.92
N GLN A 162 4.10 4.35 -12.85
CA GLN A 162 5.51 4.44 -12.53
C GLN A 162 6.09 5.74 -13.05
N LEU A 163 6.78 6.46 -12.17
CA LEU A 163 7.44 7.71 -12.54
C LEU A 163 8.86 7.50 -13.05
N SER A 164 9.54 6.51 -12.50
CA SER A 164 10.94 6.22 -12.88
C SER A 164 11.31 4.85 -12.35
#